data_2GJP
#
_entry.id   2GJP
#
_cell.length_a   46.993
_cell.length_b   73.497
_cell.length_c   151.094
_cell.angle_alpha   90.00
_cell.angle_beta   90.00
_cell.angle_gamma   90.00
#
_symmetry.space_group_name_H-M   'P 21 21 21'
#
loop_
_entity.id
_entity.type
_entity.pdbx_description
1 polymer alpha-amylase
2 branched 4,6-dideoxy-4-{[(1S,5R,6S)-3-formyl-5,6-dihydroxy-4-oxocyclohex-2-en-1-yl]amino}-alpha-D-xylo-hex-5-enopyranose-(1-4)-alpha-D-glucopyranose-(1-4)-beta-D-glucopyranose
3 branched 4,6-dideoxy-4-{[(1S,5R,6S)-3-formyl-5,6-dihydroxy-4-oxocyclohex-2-en-1-yl]amino}-alpha-D-xylo-hex-5-enopyranose-(1-4)-alpha-D-glucopyranose-(1-4)-alpha-D-glucopyranose-(1-4)-alpha-D-glucopyranose
4 branched alpha-D-glucopyranose-(1-4)-alpha-D-glucopyranose
5 non-polymer alpha-D-glucopyranose
6 non-polymer 'CALCIUM ION'
7 non-polymer 'SODIUM ION'
8 water water
#
_entity_poly.entity_id   1
_entity_poly.type   'polypeptide(L)'
_entity_poly.pdbx_seq_one_letter_code
;HHMGTNGTMMQYFEWHLPNDGQHWNRLRDDASNLRNRGITAIWIPPAWKGTSQNDVGYGAYDLYDLGEFNQKGTVRTKYG
TRSQLESAIHALKNNGVQVYGDVVMNHKGGADATENVLAVEVNPNNRNQEISGDYTIEAWTKFDFPGRGNTYSDFKWRWY
HFDGVDWDQSRQFQNRIYKFRGDGKAWDWEVDSENGNYDYLMYADVDMDHPEVVNELRRWGEWYTNTLNLDGFRIDAVKH
IKYSFTRDWLTHVRNATGKEMFAVAEFWKNDLGALENYLNKTNWNHSVFDVPLHYNLYNASNSGGNYDMAKLLNGTVVQK
HPMHAVTFVDNHDSQPGESLESFVQEWFKPLAYALILTREQGYPSVFYGDYYGIPTHSVPAMKAKIDPILEARQNFAYGT
QHDYFDHHNIIGWTREGNTTHPNSGLATIMSDGPGGEKWMYVGQNKAGQVWHDITGNKPGTVTINADGWANFSVNGGSVS
IWVKR
;
_entity_poly.pdbx_strand_id   A
#
# COMPACT_ATOMS: atom_id res chain seq x y z
N THR A 5 9.30 6.40 -19.12
CA THR A 5 9.42 5.01 -18.54
C THR A 5 8.39 4.73 -17.43
N ASN A 6 7.84 3.52 -17.45
CA ASN A 6 6.73 3.19 -16.58
C ASN A 6 7.20 3.08 -15.14
N GLY A 7 6.44 3.67 -14.22
CA GLY A 7 6.72 3.56 -12.78
C GLY A 7 6.12 2.27 -12.23
N THR A 8 6.90 1.53 -11.46
CA THR A 8 6.34 0.37 -10.77
C THR A 8 6.85 0.30 -9.34
N MET A 9 5.98 0.21 -8.35
CA MET A 9 6.49 0.09 -7.01
C MET A 9 6.40 -1.36 -6.49
N MET A 10 7.16 -1.68 -5.46
CA MET A 10 7.04 -2.96 -4.83
C MET A 10 6.93 -2.71 -3.35
N GLN A 11 5.93 -3.30 -2.75
CA GLN A 11 5.82 -3.37 -1.34
C GLN A 11 6.83 -4.40 -0.90
N TYR A 12 7.88 -3.92 -0.28
CA TYR A 12 8.95 -4.83 0.03
C TYR A 12 8.90 -5.39 1.43
N PHE A 13 7.79 -6.05 1.71
CA PHE A 13 7.59 -6.78 2.93
C PHE A 13 6.30 -7.60 2.92
N GLU A 14 6.18 -8.53 3.86
CA GLU A 14 4.93 -9.22 4.07
C GLU A 14 4.82 -9.35 5.55
N TRP A 15 3.64 -9.74 6.01
CA TRP A 15 3.42 -9.84 7.44
C TRP A 15 4.31 -10.87 8.13
N HIS A 16 4.54 -12.00 7.48
CA HIS A 16 5.27 -13.08 8.13
C HIS A 16 6.75 -13.22 7.79
N LEU A 17 7.41 -12.14 7.39
CA LEU A 17 8.86 -12.15 7.28
C LEU A 17 9.43 -12.60 8.60
N PRO A 18 10.56 -13.28 8.57
CA PRO A 18 11.16 -13.69 9.85
C PRO A 18 11.68 -12.50 10.66
N ASN A 19 11.63 -12.66 11.97
CA ASN A 19 12.19 -11.67 12.85
C ASN A 19 13.66 -11.97 13.07
N ASP A 20 14.49 -11.71 12.06
CA ASP A 20 15.89 -12.06 12.12
C ASP A 20 16.76 -10.85 11.98
N GLY A 21 16.17 -9.67 11.85
CA GLY A 21 16.95 -8.44 11.73
C GLY A 21 17.77 -8.35 10.45
N GLN A 22 17.36 -9.11 9.44
N GLN A 22 17.40 -9.11 9.43
CA GLN A 22 18.17 -9.24 8.23
CA GLN A 22 18.24 -9.11 8.23
C GLN A 22 17.47 -8.63 7.03
C GLN A 22 17.46 -8.64 7.01
N HIS A 23 16.30 -8.05 7.25
CA HIS A 23 15.46 -7.58 6.13
C HIS A 23 16.06 -6.40 5.36
N TRP A 24 16.55 -5.37 6.05
CA TRP A 24 17.19 -4.27 5.37
C TRP A 24 18.40 -4.74 4.54
N ASN A 25 19.17 -5.67 5.08
CA ASN A 25 20.29 -6.26 4.36
C ASN A 25 19.85 -6.98 3.12
N ARG A 26 18.77 -7.76 3.23
CA ARG A 26 18.23 -8.44 2.04
C ARG A 26 17.78 -7.44 1.00
N LEU A 27 17.11 -6.41 1.45
CA LEU A 27 16.69 -5.36 0.54
C LEU A 27 17.90 -4.69 -0.12
N ARG A 28 18.92 -4.30 0.66
CA ARG A 28 20.14 -3.74 0.06
C ARG A 28 20.65 -4.62 -1.08
N ASP A 29 20.62 -5.93 -0.85
CA ASP A 29 21.32 -6.87 -1.72
C ASP A 29 20.48 -7.11 -2.97
N ASP A 30 19.21 -6.76 -2.87
CA ASP A 30 18.27 -6.98 -3.97
C ASP A 30 18.09 -5.72 -4.84
N ALA A 31 18.70 -4.62 -4.41
CA ALA A 31 18.46 -3.32 -4.98
C ALA A 31 18.72 -3.36 -6.50
N SER A 32 19.80 -4.04 -6.85
CA SER A 32 20.27 -4.10 -8.22
C SER A 32 19.31 -4.96 -9.05
N ASN A 33 18.96 -6.11 -8.51
CA ASN A 33 17.96 -6.95 -9.15
C ASN A 33 16.60 -6.23 -9.34
N LEU A 34 16.16 -5.51 -8.32
CA LEU A 34 14.90 -4.76 -8.41
C LEU A 34 14.91 -3.78 -9.55
N ARG A 35 15.98 -2.99 -9.68
CA ARG A 35 16.05 -2.03 -10.79
C ARG A 35 15.99 -2.76 -12.12
N ASN A 36 16.75 -3.84 -12.26
CA ASN A 36 16.74 -4.65 -13.48
C ASN A 36 15.36 -5.13 -13.93
N ARG A 37 14.50 -5.40 -12.96
CA ARG A 37 13.17 -5.93 -13.19
C ARG A 37 12.20 -4.82 -13.49
N GLY A 38 12.64 -3.59 -13.33
CA GLY A 38 11.81 -2.48 -13.68
C GLY A 38 11.11 -1.89 -12.47
N ILE A 39 11.51 -2.29 -11.27
CA ILE A 39 10.94 -1.64 -10.10
C ILE A 39 11.55 -0.25 -9.91
N THR A 40 10.71 0.77 -9.71
CA THR A 40 11.25 2.12 -9.66
C THR A 40 11.08 2.78 -8.29
N ALA A 41 10.31 2.10 -7.42
CA ALA A 41 10.06 2.64 -6.07
C ALA A 41 9.83 1.43 -5.20
N ILE A 42 10.29 1.51 -3.97
CA ILE A 42 10.18 0.44 -3.04
C ILE A 42 9.46 1.00 -1.83
N TRP A 43 8.40 0.35 -1.40
CA TRP A 43 7.71 0.77 -0.17
C TRP A 43 8.20 -0.13 0.95
N ILE A 44 8.82 0.48 1.93
CA ILE A 44 9.50 -0.24 2.95
C ILE A 44 8.59 -0.31 4.16
N PRO A 45 8.70 -1.36 4.98
CA PRO A 45 7.87 -1.46 6.18
C PRO A 45 8.23 -0.34 7.14
N PRO A 46 7.40 -0.14 8.19
CA PRO A 46 7.71 0.77 9.29
C PRO A 46 9.14 0.54 9.76
N ALA A 47 9.92 1.62 9.81
CA ALA A 47 11.32 1.49 10.12
C ALA A 47 11.62 1.72 11.60
N TRP A 48 10.61 2.19 12.35
CA TRP A 48 10.82 2.59 13.75
C TRP A 48 10.49 1.49 14.74
N LYS A 49 10.72 1.78 16.01
CA LYS A 49 10.51 0.81 17.07
C LYS A 49 9.00 0.62 17.31
N GLY A 50 8.55 -0.62 17.19
CA GLY A 50 7.17 -1.00 17.52
C GLY A 50 7.10 -1.47 18.98
N THR A 51 6.07 -2.24 19.31
CA THR A 51 5.83 -2.57 20.69
C THR A 51 6.73 -3.71 21.16
N SER A 52 7.35 -4.41 20.22
CA SER A 52 8.35 -5.40 20.54
C SER A 52 9.18 -5.58 19.29
N GLN A 53 10.21 -6.40 19.42
CA GLN A 53 11.10 -6.64 18.29
C GLN A 53 10.32 -7.26 17.18
N ASN A 54 9.45 -8.22 17.46
CA ASN A 54 8.78 -8.84 16.33
C ASN A 54 7.59 -8.09 15.75
N ASP A 55 7.33 -6.89 16.25
CA ASP A 55 6.25 -6.07 15.71
C ASP A 55 6.53 -5.74 14.24
N VAL A 56 5.56 -5.99 13.37
CA VAL A 56 5.70 -5.63 11.96
C VAL A 56 6.02 -4.15 11.83
N GLY A 57 5.61 -3.37 12.82
CA GLY A 57 6.00 -1.93 12.88
C GLY A 57 4.80 -1.05 13.18
N TYR A 58 3.60 -1.56 12.97
CA TYR A 58 2.44 -0.73 13.10
C TYR A 58 2.02 -0.51 14.55
N GLY A 59 2.66 -1.23 15.48
CA GLY A 59 2.55 -0.95 16.91
C GLY A 59 3.10 0.44 17.32
N ALA A 60 3.81 1.10 16.41
CA ALA A 60 4.31 2.46 16.56
C ALA A 60 4.63 2.90 18.00
N TYR A 61 5.69 2.36 18.60
CA TYR A 61 6.14 2.87 19.89
C TYR A 61 6.93 4.16 19.80
N ASP A 62 8.03 4.17 19.04
CA ASP A 62 8.87 5.36 18.98
C ASP A 62 9.28 5.64 17.58
N LEU A 63 8.63 6.63 16.95
CA LEU A 63 8.94 6.98 15.59
C LEU A 63 10.35 7.54 15.37
N TYR A 64 11.11 7.88 16.44
CA TYR A 64 12.47 8.40 16.30
C TYR A 64 13.54 7.33 16.54
N ASP A 65 13.12 6.10 16.79
CA ASP A 65 14.03 4.99 17.00
C ASP A 65 13.96 4.10 15.79
N LEU A 66 14.90 4.27 14.87
CA LEU A 66 14.86 3.52 13.62
C LEU A 66 15.71 2.26 13.72
N GLY A 67 15.68 1.63 14.89
CA GLY A 67 16.46 0.43 15.13
C GLY A 67 17.82 0.91 15.66
N GLU A 68 17.76 1.91 16.53
CA GLU A 68 18.96 2.60 16.99
C GLU A 68 19.15 2.57 18.51
N PHE A 69 18.06 2.52 19.24
CA PHE A 69 18.16 2.65 20.69
C PHE A 69 17.63 1.42 21.33
N ASN A 70 18.12 1.13 22.52
CA ASN A 70 17.66 -0.03 23.23
C ASN A 70 16.32 0.28 23.88
N GLN A 71 15.23 -0.11 23.22
CA GLN A 71 13.89 0.16 23.73
C GLN A 71 13.00 -1.02 23.41
N LYS A 72 12.07 -1.33 24.30
CA LYS A 72 11.10 -2.42 24.06
C LYS A 72 11.84 -3.73 23.87
N GLY A 73 12.96 -3.84 24.57
CA GLY A 73 13.66 -5.08 24.67
C GLY A 73 14.63 -5.32 23.53
N THR A 74 14.84 -4.34 22.66
CA THR A 74 15.64 -4.61 21.48
C THR A 74 16.30 -3.32 20.97
N VAL A 75 17.44 -3.46 20.31
CA VAL A 75 17.97 -2.28 19.62
C VAL A 75 17.39 -2.28 18.22
N ARG A 76 17.67 -3.31 17.45
CA ARG A 76 17.09 -3.39 16.11
C ARG A 76 15.54 -3.47 16.14
N THR A 77 14.89 -3.06 15.06
CA THR A 77 13.50 -3.40 14.80
C THR A 77 13.46 -4.80 14.25
N LYS A 78 12.32 -5.27 13.78
CA LYS A 78 12.22 -6.60 13.17
C LYS A 78 13.17 -6.73 11.98
N TYR A 79 13.35 -5.62 11.29
CA TYR A 79 13.95 -5.63 9.97
C TYR A 79 15.46 -5.40 10.01
N GLY A 80 15.94 -4.88 11.13
CA GLY A 80 17.35 -4.59 11.26
C GLY A 80 17.62 -3.29 11.94
N THR A 81 18.87 -2.86 11.85
CA THR A 81 19.26 -1.60 12.54
C THR A 81 19.14 -0.40 11.61
N ARG A 82 19.31 0.79 12.17
CA ARG A 82 19.19 2.02 11.42
C ARG A 82 20.27 2.05 10.34
N SER A 83 21.47 1.57 10.63
CA SER A 83 22.54 1.68 9.64
C SER A 83 22.32 0.69 8.52
N GLN A 84 21.76 -0.48 8.83
CA GLN A 84 21.41 -1.41 7.76
C GLN A 84 20.31 -0.81 6.91
N LEU A 85 19.40 -0.08 7.53
CA LEU A 85 18.40 0.61 6.75
C LEU A 85 18.98 1.70 5.80
N GLU A 86 19.85 2.55 6.31
CA GLU A 86 20.38 3.64 5.50
C GLU A 86 21.20 2.99 4.37
N SER A 87 21.87 1.91 4.66
CA SER A 87 22.66 1.34 3.60
C SER A 87 21.75 0.64 2.51
N ALA A 88 20.59 0.12 2.90
CA ALA A 88 19.61 -0.35 1.91
C ALA A 88 19.11 0.83 1.02
N ILE A 89 18.80 1.95 1.66
CA ILE A 89 18.27 3.12 0.94
C ILE A 89 19.33 3.61 0.00
N HIS A 90 20.58 3.63 0.46
CA HIS A 90 21.68 4.08 -0.39
C HIS A 90 21.77 3.17 -1.63
N ALA A 91 21.70 1.86 -1.42
CA ALA A 91 21.83 0.92 -2.52
C ALA A 91 20.65 1.12 -3.48
N LEU A 92 19.45 1.28 -2.94
CA LEU A 92 18.30 1.51 -3.81
C LEU A 92 18.49 2.76 -4.61
N LYS A 93 18.88 3.83 -3.92
CA LYS A 93 18.99 5.11 -4.60
C LYS A 93 20.11 5.09 -5.64
N ASN A 94 21.17 4.35 -5.34
CA ASN A 94 22.27 4.17 -6.31
C ASN A 94 21.83 3.35 -7.48
N ASN A 95 20.74 2.61 -7.34
CA ASN A 95 20.19 1.94 -8.51
C ASN A 95 19.00 2.67 -9.09
N GLY A 96 18.78 3.90 -8.66
CA GLY A 96 17.71 4.72 -9.26
C GLY A 96 16.33 4.21 -8.89
N VAL A 97 16.22 3.68 -7.67
CA VAL A 97 14.95 3.26 -7.12
C VAL A 97 14.57 4.24 -5.99
N GLN A 98 13.36 4.76 -6.03
CA GLN A 98 12.92 5.67 -4.98
C GLN A 98 12.41 4.88 -3.79
N VAL A 99 12.42 5.51 -2.64
CA VAL A 99 12.07 4.80 -1.43
C VAL A 99 10.88 5.55 -0.85
N TYR A 100 9.79 4.82 -0.63
CA TYR A 100 8.64 5.34 0.10
C TYR A 100 8.59 4.73 1.49
N GLY A 101 8.49 5.57 2.51
CA GLY A 101 8.43 5.08 3.88
C GLY A 101 6.98 4.97 4.30
N ASP A 102 6.63 3.89 4.99
CA ASP A 102 5.35 3.80 5.66
C ASP A 102 5.29 4.86 6.74
N VAL A 103 4.09 5.33 7.05
CA VAL A 103 3.88 6.40 8.02
C VAL A 103 2.67 6.00 8.86
N VAL A 104 2.87 5.88 10.15
CA VAL A 104 1.79 5.45 11.04
C VAL A 104 1.61 6.53 12.06
N MET A 105 0.64 7.40 11.87
CA MET A 105 0.44 8.49 12.81
C MET A 105 -0.83 8.40 13.61
N ASN A 106 -1.60 7.36 13.37
CA ASN A 106 -2.92 7.27 13.96
C ASN A 106 -2.88 7.06 15.49
N HIS A 107 -1.87 6.34 15.95
CA HIS A 107 -1.88 5.89 17.31
C HIS A 107 -0.46 5.55 17.73
N LYS A 108 -0.31 5.36 19.03
CA LYS A 108 0.93 4.91 19.57
C LYS A 108 0.60 3.81 20.54
N GLY A 109 1.42 2.77 20.53
CA GLY A 109 1.20 1.61 21.35
C GLY A 109 2.45 1.39 22.19
N GLY A 110 2.32 0.61 23.24
CA GLY A 110 3.53 0.16 23.90
C GLY A 110 4.01 1.24 24.84
N ALA A 111 3.07 2.02 25.36
CA ALA A 111 3.45 3.12 26.27
C ALA A 111 4.27 2.65 27.46
N ASP A 112 5.12 3.53 27.96
CA ASP A 112 6.03 3.19 29.05
C ASP A 112 5.28 3.01 30.34
N ALA A 113 4.23 3.78 30.52
CA ALA A 113 3.46 3.67 31.76
C ALA A 113 2.02 4.12 31.57
N THR A 114 1.20 3.88 32.59
CA THR A 114 -0.20 4.23 32.52
C THR A 114 -0.44 5.58 33.18
N GLU A 115 -1.56 6.18 32.83
CA GLU A 115 -2.06 7.35 33.53
C GLU A 115 -3.53 7.15 33.90
N ASN A 116 -3.91 7.75 35.02
CA ASN A 116 -5.26 7.71 35.51
C ASN A 116 -5.94 8.82 34.77
N VAL A 117 -6.88 8.43 33.92
CA VAL A 117 -7.49 9.39 33.03
C VAL A 117 -9.00 9.34 33.19
N LEU A 118 -9.64 10.51 33.31
CA LEU A 118 -11.09 10.52 33.29
C LEU A 118 -11.58 10.31 31.85
N ALA A 119 -12.50 9.35 31.69
CA ALA A 119 -12.85 8.89 30.38
C ALA A 119 -14.29 8.48 30.41
N VAL A 120 -14.87 8.35 29.22
CA VAL A 120 -16.19 7.77 29.10
C VAL A 120 -16.16 6.65 28.06
N GLU A 121 -17.00 5.65 28.28
CA GLU A 121 -17.10 4.58 27.33
C GLU A 121 -18.05 5.02 26.25
N VAL A 122 -17.72 4.67 25.01
CA VAL A 122 -18.63 4.90 23.92
C VAL A 122 -18.90 3.56 23.30
N ASN A 123 -19.95 3.51 22.49
CA ASN A 123 -20.35 2.30 21.79
C ASN A 123 -19.38 1.96 20.67
N PRO A 124 -18.75 0.80 20.75
CA PRO A 124 -17.84 0.48 19.66
C PRO A 124 -18.49 0.50 18.27
N ASN A 125 -19.81 0.34 18.20
CA ASN A 125 -20.48 0.38 16.90
C ASN A 125 -21.01 1.78 16.60
N ASN A 126 -20.87 2.69 17.56
CA ASN A 126 -21.25 4.08 17.36
C ASN A 126 -20.50 4.90 18.36
N ARG A 127 -19.33 5.38 17.96
CA ARG A 127 -18.39 5.96 18.91
C ARG A 127 -18.88 7.33 19.34
N ASN A 128 -20.01 7.74 18.79
CA ASN A 128 -20.58 9.02 19.20
C ASN A 128 -21.59 8.84 20.34
N GLN A 129 -21.94 7.60 20.61
CA GLN A 129 -22.88 7.27 21.68
C GLN A 129 -22.10 6.89 22.93
N GLU A 130 -22.17 7.75 23.94
CA GLU A 130 -21.58 7.49 25.22
C GLU A 130 -22.47 6.50 25.95
N ILE A 131 -21.85 5.54 26.60
CA ILE A 131 -22.62 4.45 27.20
C ILE A 131 -22.23 4.22 28.65
N SER A 132 -21.49 5.17 29.21
CA SER A 132 -21.20 5.13 30.62
C SER A 132 -21.21 6.54 31.15
N GLY A 133 -21.14 6.65 32.48
CA GLY A 133 -20.81 7.91 33.12
C GLY A 133 -19.31 8.10 32.97
N ASP A 134 -18.83 9.31 33.23
CA ASP A 134 -17.39 9.49 33.27
C ASP A 134 -16.83 8.72 34.43
N TYR A 135 -15.69 8.11 34.22
CA TYR A 135 -14.96 7.57 35.34
C TYR A 135 -13.47 7.45 34.97
N THR A 136 -12.67 7.18 35.97
CA THR A 136 -11.23 7.12 35.79
C THR A 136 -10.78 5.75 35.35
N ILE A 137 -10.01 5.70 34.28
CA ILE A 137 -9.43 4.45 33.85
C ILE A 137 -7.91 4.59 33.93
N GLU A 138 -7.19 3.47 33.89
CA GLU A 138 -5.75 3.44 33.81
C GLU A 138 -5.34 3.23 32.36
N ALA A 139 -4.91 4.30 31.68
CA ALA A 139 -4.66 4.24 30.24
C ALA A 139 -3.18 4.27 29.95
N TRP A 140 -2.76 3.55 28.89
CA TRP A 140 -1.34 3.40 28.51
C TRP A 140 -0.98 4.53 27.55
N THR A 141 -0.64 5.69 28.13
CA THR A 141 -0.48 6.90 27.36
C THR A 141 0.78 7.69 27.66
N LYS A 142 1.56 7.21 28.62
CA LYS A 142 2.75 7.92 29.00
C LYS A 142 3.96 7.34 28.22
N PHE A 143 4.53 8.16 27.34
CA PHE A 143 5.70 7.77 26.56
C PHE A 143 6.87 8.63 26.99
N ASP A 144 7.88 8.01 27.57
CA ASP A 144 9.05 8.80 27.91
C ASP A 144 10.31 8.41 27.13
N PHE A 145 10.24 7.32 26.38
CA PHE A 145 11.32 6.85 25.52
C PHE A 145 12.64 6.78 26.28
N PRO A 146 12.69 5.97 27.35
CA PRO A 146 13.86 5.88 28.24
C PRO A 146 15.14 5.54 27.48
N GLY A 147 15.06 4.59 26.55
CA GLY A 147 16.23 4.16 25.80
C GLY A 147 16.77 5.20 24.82
N ARG A 148 15.93 6.15 24.42
CA ARG A 148 16.39 7.15 23.48
C ARG A 148 16.71 8.47 24.18
N GLY A 149 16.04 8.75 25.27
CA GLY A 149 16.27 10.01 25.95
C GLY A 149 15.63 11.06 25.08
N ASN A 150 16.33 12.17 24.92
CA ASN A 150 15.86 13.29 24.12
C ASN A 150 16.57 13.36 22.80
N THR A 151 17.33 12.34 22.45
CA THR A 151 18.01 12.32 21.16
C THR A 151 17.02 12.50 20.03
N TYR A 152 17.27 13.46 19.14
CA TYR A 152 16.41 13.75 17.97
C TYR A 152 15.15 14.50 18.33
N SER A 153 14.56 14.18 19.47
CA SER A 153 13.30 14.78 19.83
C SER A 153 13.08 14.69 21.31
N ASP A 154 12.74 15.82 21.93
CA ASP A 154 12.42 15.76 23.34
C ASP A 154 10.92 15.72 23.58
N PHE A 155 10.09 15.51 22.54
CA PHE A 155 8.65 15.41 22.76
C PHE A 155 8.29 14.18 23.59
N LYS A 156 7.53 14.37 24.67
CA LYS A 156 7.01 13.25 25.47
C LYS A 156 5.51 13.18 25.32
N TRP A 157 4.96 11.97 25.18
CA TRP A 157 3.55 11.83 24.98
C TRP A 157 2.85 11.55 26.31
N ARG A 158 1.69 12.14 26.46
CA ARG A 158 0.91 11.97 27.68
C ARG A 158 -0.53 11.83 27.25
N TRP A 159 -1.41 11.52 28.21
CA TRP A 159 -2.81 11.25 27.91
C TRP A 159 -3.46 12.34 27.08
N TYR A 160 -3.11 13.58 27.34
CA TYR A 160 -3.79 14.67 26.65
C TYR A 160 -3.39 14.84 25.18
N HIS A 161 -2.43 14.06 24.72
CA HIS A 161 -2.13 13.97 23.29
C HIS A 161 -2.99 12.98 22.57
N PHE A 162 -3.78 12.22 23.33
CA PHE A 162 -4.60 11.15 22.77
C PHE A 162 -6.07 11.43 23.00
N ASP A 163 -6.94 10.80 22.20
CA ASP A 163 -8.35 11.02 22.27
C ASP A 163 -9.00 9.90 23.04
N GLY A 164 -8.33 8.74 23.10
CA GLY A 164 -8.89 7.61 23.82
C GLY A 164 -8.04 6.37 23.67
N VAL A 165 -8.49 5.30 24.29
CA VAL A 165 -7.79 4.04 24.25
C VAL A 165 -8.89 2.98 24.27
N ASP A 166 -8.51 1.72 24.14
CA ASP A 166 -9.51 0.67 24.20
C ASP A 166 -9.21 -0.31 25.35
N TRP A 167 -8.38 0.13 26.29
CA TRP A 167 -7.86 -0.74 27.31
C TRP A 167 -7.69 0.05 28.59
N ASP A 168 -8.43 -0.34 29.62
CA ASP A 168 -8.27 0.15 31.01
C ASP A 168 -7.46 -0.87 31.77
N GLN A 169 -6.20 -0.56 32.06
CA GLN A 169 -5.34 -1.55 32.69
C GLN A 169 -5.89 -1.93 34.05
N SER A 170 -6.72 -1.08 34.65
CA SER A 170 -7.23 -1.39 35.98
C SER A 170 -8.44 -2.36 36.01
N ARG A 171 -9.14 -2.49 34.88
CA ARG A 171 -10.36 -3.29 34.79
C ARG A 171 -10.34 -4.36 33.71
N GLN A 172 -9.72 -4.06 32.58
CA GLN A 172 -9.34 -5.05 31.61
C GLN A 172 -10.48 -5.73 30.84
N PHE A 173 -11.41 -4.90 30.39
CA PHE A 173 -12.56 -5.37 29.63
C PHE A 173 -12.21 -5.28 28.17
N GLN A 174 -12.68 -6.27 27.40
CA GLN A 174 -12.55 -6.23 25.98
C GLN A 174 -13.75 -5.51 25.41
N ASN A 175 -13.65 -5.16 24.15
CA ASN A 175 -14.72 -4.48 23.43
C ASN A 175 -15.16 -3.19 24.08
N ARG A 176 -14.19 -2.46 24.61
CA ARG A 176 -14.43 -1.14 25.20
C ARG A 176 -13.67 -0.12 24.38
N ILE A 177 -14.25 1.05 24.21
CA ILE A 177 -13.51 2.19 23.69
C ILE A 177 -13.74 3.29 24.65
N TYR A 178 -12.67 3.92 25.08
CA TYR A 178 -12.78 4.96 26.09
C TYR A 178 -12.41 6.28 25.46
N LYS A 179 -13.33 7.22 25.47
CA LYS A 179 -13.07 8.58 25.08
C LYS A 179 -12.61 9.48 26.29
N PHE A 180 -11.47 10.12 26.14
CA PHE A 180 -10.88 10.89 27.22
C PHE A 180 -11.73 12.17 27.42
N ARG A 181 -11.94 12.56 28.68
CA ARG A 181 -12.62 13.82 28.96
C ARG A 181 -11.49 14.82 29.02
N GLY A 182 -11.80 16.11 28.92
CA GLY A 182 -10.81 17.16 29.08
C GLY A 182 -11.30 18.24 28.19
N ASP A 183 -10.75 19.44 28.36
CA ASP A 183 -11.23 20.58 27.59
C ASP A 183 -10.86 20.40 26.15
N GLY A 184 -11.84 20.53 25.26
CA GLY A 184 -11.61 20.26 23.83
C GLY A 184 -11.40 18.80 23.46
N LYS A 185 -11.70 17.86 24.34
CA LYS A 185 -11.48 16.46 23.95
C LYS A 185 -12.67 15.92 23.17
N ALA A 186 -12.44 15.48 21.93
CA ALA A 186 -13.50 14.88 21.11
C ALA A 186 -12.84 14.05 20.05
N TRP A 187 -13.55 13.08 19.50
CA TRP A 187 -13.00 12.30 18.43
C TRP A 187 -12.75 13.28 17.33
N ASP A 188 -11.70 13.04 16.56
CA ASP A 188 -11.36 13.93 15.47
C ASP A 188 -12.41 13.84 14.32
N TRP A 189 -12.58 14.95 13.61
CA TRP A 189 -13.50 15.06 12.49
C TRP A 189 -12.81 15.99 11.50
N GLU A 190 -12.90 15.74 10.19
CA GLU A 190 -13.63 14.61 9.61
C GLU A 190 -12.80 13.32 9.57
N VAL A 191 -13.42 12.18 9.89
CA VAL A 191 -12.80 10.88 9.64
C VAL A 191 -13.91 10.05 9.02
N ASP A 192 -13.61 8.80 8.70
CA ASP A 192 -14.61 7.89 8.19
C ASP A 192 -15.75 7.76 9.20
N SER A 193 -16.97 7.65 8.71
CA SER A 193 -18.12 7.68 9.60
C SER A 193 -18.63 6.28 9.84
N GLU A 194 -17.91 5.27 9.37
CA GLU A 194 -18.25 3.92 9.80
C GLU A 194 -18.14 3.87 11.34
N ASN A 195 -19.10 3.17 11.98
CA ASN A 195 -19.21 3.14 13.43
C ASN A 195 -19.50 4.52 14.02
N GLY A 196 -20.15 5.39 13.23
CA GLY A 196 -20.45 6.77 13.64
C GLY A 196 -19.24 7.70 13.46
N ASN A 197 -18.15 7.27 14.07
CA ASN A 197 -16.88 8.00 13.97
C ASN A 197 -15.77 6.98 14.16
N TYR A 198 -14.96 6.83 13.13
CA TYR A 198 -13.92 5.82 13.13
C TYR A 198 -12.55 6.41 13.44
N ASP A 199 -12.49 7.48 14.23
CA ASP A 199 -11.23 8.01 14.64
C ASP A 199 -10.49 6.95 15.43
N TYR A 200 -11.18 6.22 16.30
CA TYR A 200 -10.48 5.27 17.13
C TYR A 200 -10.31 3.93 16.38
N LEU A 201 -9.06 3.46 16.30
CA LEU A 201 -8.77 2.14 15.77
C LEU A 201 -8.14 1.18 16.81
N MET A 202 -6.99 1.54 17.36
CA MET A 202 -6.32 0.70 18.35
C MET A 202 -5.34 1.54 19.15
N TYR A 203 -4.82 0.88 20.17
CA TYR A 203 -3.82 1.45 21.01
C TYR A 203 -4.24 2.81 21.54
N ALA A 204 -3.31 3.76 21.60
CA ALA A 204 -3.64 5.10 22.14
C ALA A 204 -3.92 5.97 20.91
N ASP A 205 -5.15 6.45 20.74
CA ASP A 205 -5.47 7.20 19.52
C ASP A 205 -4.96 8.63 19.60
N VAL A 206 -4.18 9.04 18.61
CA VAL A 206 -3.58 10.36 18.61
C VAL A 206 -4.65 11.44 18.45
N ASP A 207 -4.59 12.48 19.24
CA ASP A 207 -5.51 13.59 19.08
C ASP A 207 -5.00 14.59 18.08
N MET A 208 -5.53 14.54 16.85
CA MET A 208 -5.10 15.45 15.80
C MET A 208 -5.61 16.89 15.96
N ASP A 209 -6.43 17.15 16.96
CA ASP A 209 -6.94 18.49 17.26
C ASP A 209 -5.87 19.18 18.11
N HIS A 210 -5.06 18.40 18.81
CA HIS A 210 -4.04 18.99 19.69
C HIS A 210 -2.93 19.70 18.90
N PRO A 211 -2.76 21.00 19.13
CA PRO A 211 -1.78 21.73 18.32
C PRO A 211 -0.37 21.26 18.53
N GLU A 212 -0.03 20.81 19.74
CA GLU A 212 1.30 20.31 20.04
C GLU A 212 1.49 19.06 19.21
N VAL A 213 0.45 18.25 19.05
CA VAL A 213 0.56 16.98 18.33
C VAL A 213 0.71 17.21 16.86
N VAL A 214 -0.09 18.12 16.32
CA VAL A 214 0.04 18.43 14.90
C VAL A 214 1.46 18.90 14.60
N ASN A 215 2.00 19.77 15.46
CA ASN A 215 3.32 20.31 15.21
C ASN A 215 4.38 19.23 15.33
N GLU A 216 4.23 18.36 16.32
CA GLU A 216 5.19 17.28 16.51
C GLU A 216 5.20 16.31 15.34
N LEU A 217 4.04 15.90 14.88
CA LEU A 217 3.98 14.96 13.77
C LEU A 217 4.51 15.57 12.48
N ARG A 218 4.24 16.86 12.26
CA ARG A 218 4.82 17.57 11.12
C ARG A 218 6.31 17.62 11.17
N ARG A 219 6.83 17.98 12.33
CA ARG A 219 8.26 17.96 12.48
C ARG A 219 8.84 16.55 12.35
N TRP A 220 8.17 15.54 12.94
CA TRP A 220 8.66 14.16 12.78
C TRP A 220 8.68 13.76 11.32
N GLY A 221 7.67 14.18 10.57
CA GLY A 221 7.56 13.81 9.18
C GLY A 221 8.72 14.36 8.35
N GLU A 222 9.12 15.58 8.65
CA GLU A 222 10.38 16.16 8.08
C GLU A 222 11.60 15.38 8.49
N TRP A 223 11.73 15.15 9.79
CA TRP A 223 12.85 14.37 10.32
C TRP A 223 12.99 12.99 9.65
N TYR A 224 11.88 12.30 9.52
CA TYR A 224 11.86 10.98 8.93
C TYR A 224 12.28 11.01 7.44
N THR A 225 11.67 11.90 6.67
CA THR A 225 12.05 12.13 5.27
C THR A 225 13.52 12.47 5.14
N ASN A 226 14.00 13.39 5.98
CA ASN A 226 15.39 13.86 5.97
C ASN A 226 16.38 12.79 6.42
N THR A 227 16.04 12.10 7.50
CA THR A 227 16.93 11.09 8.03
C THR A 227 17.10 9.96 7.07
N LEU A 228 16.06 9.64 6.33
CA LEU A 228 16.12 8.46 5.48
C LEU A 228 16.27 8.85 4.02
N ASN A 229 16.26 10.15 3.72
CA ASN A 229 16.19 10.63 2.34
C ASN A 229 15.04 9.99 1.57
N LEU A 230 13.83 10.13 2.09
CA LEU A 230 12.71 9.36 1.49
C LEU A 230 12.21 10.11 0.26
N ASP A 231 11.60 9.39 -0.66
CA ASP A 231 10.99 10.01 -1.84
C ASP A 231 9.48 10.14 -1.76
N GLY A 232 8.87 9.59 -0.73
CA GLY A 232 7.45 9.60 -0.65
C GLY A 232 7.02 8.73 0.50
N PHE A 233 5.72 8.49 0.60
CA PHE A 233 5.16 7.80 1.78
C PHE A 233 4.03 6.93 1.43
N ARG A 234 3.83 5.94 2.28
CA ARG A 234 2.61 5.24 2.30
C ARG A 234 1.96 5.57 3.64
N ILE A 235 0.80 6.19 3.63
CA ILE A 235 0.19 6.66 4.87
C ILE A 235 -0.85 5.62 5.30
N ASP A 236 -0.61 5.04 6.46
CA ASP A 236 -1.40 3.99 7.05
C ASP A 236 -2.66 4.56 7.70
N ALA A 237 -3.75 3.79 7.67
CA ALA A 237 -4.95 4.08 8.48
C ALA A 237 -5.53 5.47 8.29
N VAL A 238 -5.59 5.97 7.06
CA VAL A 238 -6.04 7.34 6.87
C VAL A 238 -7.54 7.52 7.13
N LYS A 239 -8.33 6.45 7.13
CA LYS A 239 -9.76 6.68 7.40
C LYS A 239 -9.98 7.06 8.86
N HIS A 240 -8.93 6.91 9.67
CA HIS A 240 -8.98 7.09 11.12
C HIS A 240 -8.25 8.31 11.56
N ILE A 241 -7.76 9.07 10.60
CA ILE A 241 -6.98 10.27 10.89
C ILE A 241 -7.71 11.40 10.23
N LYS A 242 -7.93 12.45 11.01
CA LYS A 242 -8.59 13.67 10.55
C LYS A 242 -8.10 14.01 9.13
N TYR A 243 -9.01 14.08 8.15
CA TYR A 243 -8.58 14.16 6.77
C TYR A 243 -7.78 15.43 6.54
N SER A 244 -8.16 16.49 7.24
CA SER A 244 -7.48 17.77 6.96
C SER A 244 -6.08 17.76 7.58
N PHE A 245 -5.88 16.93 8.60
CA PHE A 245 -4.54 16.78 9.14
C PHE A 245 -3.66 16.16 8.08
N THR A 246 -4.12 15.10 7.46
CA THR A 246 -3.28 14.37 6.52
C THR A 246 -2.94 15.22 5.33
N ARG A 247 -3.96 15.93 4.85
CA ARG A 247 -3.84 16.81 3.72
C ARG A 247 -2.76 17.78 4.04
N ASP A 248 -2.84 18.38 5.22
CA ASP A 248 -1.90 19.46 5.52
C ASP A 248 -0.51 19.02 5.98
N TRP A 249 -0.42 17.85 6.61
CA TRP A 249 0.81 17.25 6.99
C TRP A 249 1.65 16.98 5.71
N LEU A 250 1.01 16.41 4.71
CA LEU A 250 1.68 16.08 3.50
C LEU A 250 2.16 17.36 2.83
N THR A 251 1.32 18.37 2.81
CA THR A 251 1.70 19.67 2.22
C THR A 251 2.86 20.30 3.00
N HIS A 252 2.79 20.24 4.32
CA HIS A 252 3.89 20.70 5.16
C HIS A 252 5.23 20.02 4.87
N VAL A 253 5.20 18.70 4.81
CA VAL A 253 6.41 17.93 4.56
C VAL A 253 6.96 18.21 3.16
N ARG A 254 6.10 18.23 2.15
CA ARG A 254 6.56 18.61 0.83
C ARG A 254 7.13 20.03 0.78
N ASN A 255 6.52 20.96 1.49
CA ASN A 255 7.01 22.33 1.44
C ASN A 255 8.33 22.44 2.17
N ALA A 256 8.46 21.75 3.31
CA ALA A 256 9.66 21.83 4.14
C ALA A 256 10.86 21.19 3.47
N THR A 257 10.62 20.15 2.69
CA THR A 257 11.72 19.40 2.12
C THR A 257 11.97 19.81 0.68
N GLY A 258 11.03 20.53 0.07
CA GLY A 258 11.10 20.85 -1.34
C GLY A 258 10.96 19.63 -2.23
N LYS A 259 10.70 18.46 -1.66
CA LYS A 259 10.55 17.22 -2.44
C LYS A 259 9.11 17.02 -2.93
N GLU A 260 8.95 16.31 -4.05
CA GLU A 260 7.61 15.88 -4.49
C GLU A 260 6.85 15.12 -3.38
N MET A 261 7.55 14.17 -2.76
CA MET A 261 6.97 13.29 -1.78
C MET A 261 5.68 12.77 -2.39
N PHE A 262 5.80 11.87 -3.33
CA PHE A 262 4.64 11.08 -3.73
C PHE A 262 4.06 10.40 -2.49
N ALA A 263 2.73 10.37 -2.35
CA ALA A 263 2.14 9.68 -1.20
C ALA A 263 0.95 8.88 -1.64
N VAL A 264 0.76 7.73 -0.99
CA VAL A 264 -0.40 6.93 -1.29
C VAL A 264 -0.98 6.59 0.05
N ALA A 265 -2.25 6.86 0.21
CA ALA A 265 -2.91 6.52 1.45
C ALA A 265 -3.63 5.17 1.40
N GLU A 266 -3.59 4.46 2.53
CA GLU A 266 -4.37 3.26 2.67
C GLU A 266 -5.68 3.64 3.28
N PHE A 267 -6.70 3.78 2.44
CA PHE A 267 -8.03 4.05 2.92
C PHE A 267 -8.80 2.77 2.63
N TRP A 268 -8.90 1.88 3.62
CA TRP A 268 -9.38 0.53 3.36
C TRP A 268 -10.90 0.47 3.44
N LYS A 269 -11.56 0.72 2.31
CA LYS A 269 -12.98 0.57 2.17
C LYS A 269 -13.24 0.12 0.74
N ASN A 270 -14.04 -0.90 0.57
CA ASN A 270 -14.45 -1.30 -0.74
C ASN A 270 -15.64 -0.45 -1.23
N ASP A 271 -15.39 0.85 -1.46
CA ASP A 271 -16.42 1.87 -1.69
C ASP A 271 -15.78 3.10 -2.37
N LEU A 272 -15.99 3.23 -3.67
CA LEU A 272 -15.41 4.33 -4.43
C LEU A 272 -15.90 5.67 -3.90
N GLY A 273 -17.17 5.75 -3.54
CA GLY A 273 -17.71 7.01 -3.01
C GLY A 273 -16.98 7.51 -1.76
N ALA A 274 -16.60 6.59 -0.88
CA ALA A 274 -15.85 7.00 0.32
C ALA A 274 -14.45 7.44 -0.04
N LEU A 275 -13.84 6.75 -1.01
CA LEU A 275 -12.49 7.05 -1.44
C LEU A 275 -12.52 8.42 -2.09
N GLU A 276 -13.52 8.64 -2.94
CA GLU A 276 -13.60 9.94 -3.63
C GLU A 276 -13.77 11.08 -2.64
N ASN A 277 -14.53 10.84 -1.58
CA ASN A 277 -14.76 11.87 -0.58
C ASN A 277 -13.45 12.18 0.11
N TYR A 278 -12.66 11.15 0.38
CA TYR A 278 -11.37 11.32 1.04
C TYR A 278 -10.48 12.13 0.11
N LEU A 279 -10.48 11.78 -1.16
CA LEU A 279 -9.69 12.53 -2.14
C LEU A 279 -10.13 14.00 -2.20
N ASN A 280 -11.43 14.24 -2.28
CA ASN A 280 -11.98 15.61 -2.20
C ASN A 280 -11.49 16.37 -0.95
N LYS A 281 -11.62 15.75 0.23
CA LYS A 281 -11.25 16.41 1.47
C LYS A 281 -9.73 16.58 1.67
N THR A 282 -8.96 15.81 0.93
CA THR A 282 -7.51 15.96 0.95
C THR A 282 -7.06 16.73 -0.30
N ASN A 283 -8.01 17.29 -1.04
N ASN A 283 -8.00 17.27 -1.06
CA ASN A 283 -7.73 18.18 -2.16
CA ASN A 283 -7.65 18.19 -2.13
C ASN A 283 -6.94 17.54 -3.29
C ASN A 283 -6.79 17.51 -3.19
N TRP A 284 -7.07 16.22 -3.43
CA TRP A 284 -6.43 15.46 -4.50
C TRP A 284 -4.93 15.52 -4.48
N ASN A 285 -4.36 15.79 -3.30
CA ASN A 285 -2.92 15.96 -3.22
C ASN A 285 -2.13 14.68 -3.03
N HIS A 286 -2.81 13.56 -3.05
CA HIS A 286 -2.12 12.28 -3.01
C HIS A 286 -3.04 11.20 -3.53
N SER A 287 -2.53 9.98 -3.59
CA SER A 287 -3.22 8.86 -4.24
C SER A 287 -3.75 7.96 -3.17
N VAL A 288 -4.68 7.08 -3.53
CA VAL A 288 -5.18 6.03 -2.66
C VAL A 288 -4.89 4.66 -3.26
N PHE A 289 -4.75 3.67 -2.40
CA PHE A 289 -4.72 2.29 -2.90
C PHE A 289 -6.07 1.93 -3.49
N ASP A 290 -6.08 1.21 -4.60
CA ASP A 290 -7.34 0.89 -5.22
C ASP A 290 -7.92 -0.33 -4.55
N VAL A 291 -8.52 -0.12 -3.39
CA VAL A 291 -9.06 -1.22 -2.63
C VAL A 291 -10.23 -1.91 -3.37
N PRO A 292 -11.14 -1.12 -3.98
CA PRO A 292 -12.13 -1.77 -4.82
C PRO A 292 -11.57 -2.73 -5.90
N LEU A 293 -10.51 -2.37 -6.61
CA LEU A 293 -10.01 -3.26 -7.64
C LEU A 293 -9.51 -4.52 -6.98
N HIS A 294 -8.96 -4.33 -5.80
CA HIS A 294 -8.40 -5.49 -5.08
C HIS A 294 -9.48 -6.50 -4.80
N TYR A 295 -10.64 -6.01 -4.36
CA TYR A 295 -11.74 -6.90 -4.07
C TYR A 295 -12.30 -7.44 -5.37
N ASN A 296 -12.34 -6.61 -6.43
CA ASN A 296 -12.78 -7.15 -7.74
C ASN A 296 -11.93 -8.35 -8.15
N LEU A 297 -10.64 -8.24 -7.94
CA LEU A 297 -9.68 -9.29 -8.36
C LEU A 297 -9.84 -10.51 -7.49
N TYR A 298 -9.99 -10.25 -6.20
CA TYR A 298 -10.19 -11.30 -5.22
C TYR A 298 -11.48 -12.05 -5.53
N ASN A 299 -12.57 -11.33 -5.78
CA ASN A 299 -13.82 -11.97 -6.12
C ASN A 299 -13.77 -12.72 -7.42
N ALA A 300 -13.18 -12.10 -8.44
CA ALA A 300 -13.03 -12.74 -9.73
C ALA A 300 -12.26 -14.06 -9.54
N SER A 301 -11.19 -14.04 -8.73
CA SER A 301 -10.31 -15.21 -8.60
C SER A 301 -11.04 -16.34 -7.89
N ASN A 302 -12.11 -15.98 -7.17
CA ASN A 302 -12.89 -16.96 -6.41
C ASN A 302 -14.14 -17.42 -7.12
N SER A 303 -14.33 -16.93 -8.31
CA SER A 303 -15.56 -17.13 -9.04
C SER A 303 -15.52 -18.25 -10.04
N GLY A 304 -14.43 -19.02 -10.05
CA GLY A 304 -14.37 -20.23 -10.85
C GLY A 304 -14.67 -20.02 -12.33
N GLY A 305 -14.43 -18.80 -12.82
CA GLY A 305 -14.59 -18.52 -14.23
C GLY A 305 -15.84 -17.73 -14.49
N ASN A 306 -16.70 -17.64 -13.49
CA ASN A 306 -18.02 -17.06 -13.73
C ASN A 306 -18.11 -15.56 -13.53
N TYR A 307 -16.97 -14.92 -13.24
CA TYR A 307 -17.00 -13.50 -13.07
C TYR A 307 -17.13 -12.90 -14.44
N ASP A 308 -17.82 -11.78 -14.54
CA ASP A 308 -17.93 -11.14 -15.83
C ASP A 308 -16.71 -10.29 -15.98
N MET A 309 -15.76 -10.77 -16.76
CA MET A 309 -14.45 -10.10 -16.91
C MET A 309 -14.55 -8.70 -17.49
N ALA A 310 -15.58 -8.47 -18.30
CA ALA A 310 -15.84 -7.13 -18.80
C ALA A 310 -16.02 -6.07 -17.67
N LYS A 311 -16.38 -6.50 -16.44
CA LYS A 311 -16.73 -5.56 -15.35
C LYS A 311 -15.63 -5.42 -14.30
N LEU A 312 -14.49 -6.01 -14.61
CA LEU A 312 -13.38 -6.11 -13.65
C LEU A 312 -12.93 -4.78 -13.09
N LEU A 313 -13.12 -3.70 -13.85
CA LEU A 313 -12.61 -2.40 -13.43
C LEU A 313 -13.75 -1.57 -12.88
N ASN A 314 -14.93 -2.15 -12.85
CA ASN A 314 -16.10 -1.43 -12.37
C ASN A 314 -16.00 -1.13 -10.91
N GLY A 315 -16.28 0.13 -10.59
CA GLY A 315 -16.38 0.55 -9.22
C GLY A 315 -15.02 0.85 -8.63
N THR A 316 -14.00 0.91 -9.47
CA THR A 316 -12.62 1.01 -8.97
C THR A 316 -12.07 2.42 -9.07
N VAL A 317 -11.06 2.72 -8.26
CA VAL A 317 -10.42 4.01 -8.36
C VAL A 317 -9.71 4.12 -9.71
N VAL A 318 -9.09 3.04 -10.15
CA VAL A 318 -8.26 3.16 -11.31
C VAL A 318 -9.14 3.45 -12.53
N GLN A 319 -10.38 2.96 -12.54
CA GLN A 319 -11.27 3.27 -13.67
C GLN A 319 -11.61 4.74 -13.70
N LYS A 320 -11.89 5.29 -12.54
CA LYS A 320 -12.48 6.60 -12.41
C LYS A 320 -11.41 7.68 -12.28
N HIS A 321 -10.42 7.43 -11.45
CA HIS A 321 -9.39 8.41 -11.17
C HIS A 321 -8.00 7.79 -11.25
N PRO A 322 -7.59 7.43 -12.46
CA PRO A 322 -6.37 6.69 -12.74
C PRO A 322 -5.09 7.35 -12.21
N MET A 323 -5.07 8.67 -12.20
N MET A 323 -5.03 8.67 -12.22
CA MET A 323 -3.91 9.40 -11.73
CA MET A 323 -3.83 9.34 -11.73
C MET A 323 -3.75 9.36 -10.21
C MET A 323 -3.80 9.49 -10.19
N HIS A 324 -4.81 8.97 -9.49
CA HIS A 324 -4.76 8.93 -8.05
C HIS A 324 -4.95 7.55 -7.49
N ALA A 325 -4.68 6.54 -8.30
CA ALA A 325 -4.84 5.16 -7.87
C ALA A 325 -3.51 4.45 -7.85
N VAL A 326 -3.20 3.79 -6.73
CA VAL A 326 -2.09 2.83 -6.70
C VAL A 326 -2.73 1.47 -6.75
N THR A 327 -2.44 0.72 -7.78
CA THR A 327 -3.17 -0.50 -7.98
C THR A 327 -2.32 -1.62 -7.36
N PHE A 328 -2.98 -2.66 -6.88
CA PHE A 328 -2.25 -3.72 -6.20
C PHE A 328 -3.07 -4.96 -6.25
N VAL A 329 -2.42 -6.09 -6.15
CA VAL A 329 -3.13 -7.34 -6.25
C VAL A 329 -3.39 -7.82 -4.83
N ASP A 330 -2.35 -7.78 -4.00
CA ASP A 330 -2.49 -8.14 -2.59
C ASP A 330 -1.50 -7.36 -1.77
N ASN A 331 -1.65 -7.41 -0.47
CA ASN A 331 -0.73 -6.73 0.35
C ASN A 331 -0.67 -7.46 1.67
N HIS A 332 -0.04 -6.88 2.67
CA HIS A 332 0.26 -7.65 3.85
C HIS A 332 -0.97 -7.80 4.76
N ASP A 333 -2.00 -6.99 4.51
CA ASP A 333 -3.30 -7.12 5.18
C ASP A 333 -4.23 -8.15 4.53
N SER A 334 -4.07 -8.36 3.24
CA SER A 334 -4.94 -9.28 2.50
C SER A 334 -4.32 -10.65 2.37
N GLN A 335 -3.07 -10.78 2.75
CA GLN A 335 -2.41 -12.08 2.62
C GLN A 335 -3.05 -13.04 3.63
N PRO A 336 -2.91 -14.37 3.40
CA PRO A 336 -3.60 -15.38 4.20
C PRO A 336 -3.42 -15.24 5.71
N GLY A 337 -4.51 -15.37 6.44
CA GLY A 337 -4.45 -15.32 7.89
C GLY A 337 -4.50 -13.91 8.45
N GLU A 338 -4.36 -12.90 7.59
CA GLU A 338 -4.35 -11.54 8.08
C GLU A 338 -5.72 -10.87 8.22
N SER A 339 -5.71 -9.65 8.77
CA SER A 339 -6.91 -8.97 9.19
C SER A 339 -7.92 -8.74 8.10
N LEU A 340 -7.44 -8.44 6.90
CA LEU A 340 -8.30 -8.19 5.76
C LEU A 340 -8.10 -9.31 4.74
N GLU A 341 -7.86 -10.52 5.25
CA GLU A 341 -7.56 -11.63 4.37
C GLU A 341 -8.54 -11.70 3.21
N SER A 342 -8.00 -11.57 2.00
CA SER A 342 -8.78 -11.62 0.80
C SER A 342 -7.75 -11.81 -0.31
N PHE A 343 -7.07 -12.96 -0.26
CA PHE A 343 -5.88 -13.15 -1.08
C PHE A 343 -6.29 -13.64 -2.45
N VAL A 344 -5.87 -12.98 -3.50
CA VAL A 344 -6.22 -13.41 -4.84
C VAL A 344 -5.70 -14.80 -5.14
N GLN A 345 -6.57 -15.65 -5.65
CA GLN A 345 -6.21 -17.05 -5.89
C GLN A 345 -5.07 -17.09 -6.84
N GLU A 346 -4.15 -18.04 -6.62
CA GLU A 346 -2.96 -18.18 -7.40
C GLU A 346 -3.16 -18.22 -8.90
N TRP A 347 -4.13 -19.01 -9.39
CA TRP A 347 -4.28 -19.16 -10.84
C TRP A 347 -4.59 -17.83 -11.44
N PHE A 348 -5.26 -16.96 -10.68
CA PHE A 348 -5.70 -15.73 -11.23
C PHE A 348 -4.65 -14.64 -11.10
N LYS A 349 -3.67 -14.87 -10.25
CA LYS A 349 -2.69 -13.83 -9.93
C LYS A 349 -1.98 -13.27 -11.18
N PRO A 350 -1.52 -14.13 -12.08
CA PRO A 350 -0.91 -13.55 -13.28
C PRO A 350 -1.84 -12.66 -14.06
N LEU A 351 -3.12 -13.02 -14.19
CA LEU A 351 -4.09 -12.16 -14.89
C LEU A 351 -4.19 -10.81 -14.16
N ALA A 352 -4.30 -10.89 -12.83
CA ALA A 352 -4.32 -9.67 -12.01
C ALA A 352 -3.08 -8.80 -12.21
N TYR A 353 -1.89 -9.41 -12.19
CA TYR A 353 -0.69 -8.60 -12.40
C TYR A 353 -0.65 -7.99 -13.78
N ALA A 354 -1.15 -8.72 -14.77
CA ALA A 354 -1.13 -8.20 -16.13
C ALA A 354 -2.05 -6.97 -16.24
N LEU A 355 -3.18 -7.04 -15.55
CA LEU A 355 -4.14 -5.96 -15.55
C LEU A 355 -3.51 -4.73 -14.94
N ILE A 356 -2.80 -4.88 -13.84
CA ILE A 356 -2.25 -3.67 -13.23
C ILE A 356 -0.98 -3.17 -13.89
N LEU A 357 -0.24 -4.09 -14.49
CA LEU A 357 1.07 -3.72 -15.04
C LEU A 357 1.08 -3.36 -16.51
N THR A 358 0.12 -3.81 -17.31
CA THR A 358 0.25 -3.53 -18.73
C THR A 358 -0.69 -2.42 -19.21
N ARG A 359 -1.58 -1.98 -18.33
CA ARG A 359 -2.48 -0.89 -18.66
C ARG A 359 -1.89 0.45 -18.28
N GLU A 360 -2.29 1.49 -18.99
CA GLU A 360 -1.70 2.80 -18.78
C GLU A 360 -2.20 3.49 -17.51
N GLN A 361 -3.30 3.00 -16.93
CA GLN A 361 -3.90 3.66 -15.78
C GLN A 361 -3.31 3.09 -14.50
N GLY A 362 -3.04 3.97 -13.55
CA GLY A 362 -2.71 3.54 -12.18
C GLY A 362 -1.23 3.43 -12.03
N TYR A 363 -0.78 3.41 -10.80
CA TYR A 363 0.60 3.27 -10.44
C TYR A 363 0.61 1.93 -9.74
N PRO A 364 1.12 0.90 -10.42
CA PRO A 364 0.99 -0.45 -9.88
C PRO A 364 2.06 -0.79 -8.88
N SER A 365 1.68 -1.68 -7.97
CA SER A 365 2.52 -2.11 -6.89
C SER A 365 2.63 -3.64 -6.94
N VAL A 366 3.85 -4.15 -6.83
CA VAL A 366 4.05 -5.59 -6.75
C VAL A 366 4.22 -5.97 -5.27
N PHE A 367 3.52 -7.00 -4.83
CA PHE A 367 3.63 -7.46 -3.46
C PHE A 367 4.81 -8.44 -3.24
N TYR A 368 5.64 -8.16 -2.24
CA TYR A 368 6.69 -9.09 -1.84
C TYR A 368 6.18 -10.55 -1.63
N GLY A 369 5.07 -10.72 -0.92
CA GLY A 369 4.49 -12.02 -0.71
C GLY A 369 4.21 -12.76 -2.00
N ASP A 370 3.78 -12.04 -3.03
CA ASP A 370 3.44 -12.70 -4.28
C ASP A 370 4.72 -13.06 -4.98
N TYR A 371 5.61 -12.08 -5.05
CA TYR A 371 6.80 -12.25 -5.84
C TYR A 371 7.75 -13.34 -5.26
N TYR A 372 7.97 -13.28 -3.95
CA TYR A 372 8.95 -14.14 -3.29
C TYR A 372 8.30 -15.28 -2.54
N GLY A 373 6.99 -15.22 -2.38
CA GLY A 373 6.26 -16.24 -1.63
C GLY A 373 6.07 -15.91 -0.15
N ILE A 374 5.17 -16.67 0.47
CA ILE A 374 4.93 -16.65 1.87
C ILE A 374 5.06 -18.12 2.34
N PRO A 375 6.28 -18.52 2.68
CA PRO A 375 6.59 -19.88 3.08
C PRO A 375 5.75 -20.31 4.27
N THR A 376 5.43 -19.38 5.17
CA THR A 376 4.71 -19.73 6.39
C THR A 376 3.30 -20.21 6.05
N HIS A 377 2.78 -19.78 4.92
CA HIS A 377 1.52 -20.26 4.44
C HIS A 377 1.94 -20.98 3.21
N SER A 378 1.09 -21.48 2.37
CA SER A 378 1.85 -22.30 1.43
C SER A 378 2.06 -21.66 0.08
N VAL A 379 2.35 -20.37 0.11
CA VAL A 379 2.36 -19.52 -1.08
C VAL A 379 3.70 -19.51 -1.81
N PRO A 380 3.77 -20.20 -2.95
CA PRO A 380 5.04 -20.25 -3.66
C PRO A 380 5.41 -18.88 -4.20
N ALA A 381 6.69 -18.67 -4.49
CA ALA A 381 7.16 -17.48 -5.21
C ALA A 381 6.60 -17.42 -6.65
N MET A 382 5.99 -16.30 -7.03
CA MET A 382 5.44 -16.18 -8.36
C MET A 382 6.30 -15.33 -9.25
N LYS A 383 7.44 -14.95 -8.73
CA LYS A 383 8.47 -14.27 -9.49
C LYS A 383 8.59 -14.75 -10.96
N ALA A 384 8.64 -16.06 -11.18
CA ALA A 384 8.86 -16.55 -12.52
C ALA A 384 7.70 -16.11 -13.46
N LYS A 385 6.49 -15.98 -12.91
CA LYS A 385 5.32 -15.58 -13.72
C LYS A 385 5.12 -14.08 -13.77
N ILE A 386 5.62 -13.39 -12.75
CA ILE A 386 5.50 -11.94 -12.71
C ILE A 386 6.62 -11.29 -13.54
N ASP A 387 7.82 -11.86 -13.47
CA ASP A 387 8.95 -11.35 -14.27
C ASP A 387 8.61 -11.02 -15.75
N PRO A 388 8.05 -11.96 -16.54
CA PRO A 388 7.67 -11.60 -17.91
C PRO A 388 6.69 -10.42 -18.00
N ILE A 389 5.85 -10.27 -16.98
CA ILE A 389 4.87 -9.18 -17.02
C ILE A 389 5.57 -7.88 -16.65
N LEU A 390 6.47 -7.94 -15.67
CA LEU A 390 7.26 -6.74 -15.37
C LEU A 390 8.08 -6.35 -16.59
N GLU A 391 8.58 -7.35 -17.31
CA GLU A 391 9.33 -7.07 -18.50
C GLU A 391 8.47 -6.38 -19.54
N ALA A 392 7.24 -6.87 -19.70
CA ALA A 392 6.27 -6.20 -20.55
C ALA A 392 6.05 -4.77 -20.12
N ARG A 393 5.86 -4.51 -18.84
CA ARG A 393 5.65 -3.18 -18.40
C ARG A 393 6.88 -2.29 -18.67
N GLN A 394 8.05 -2.84 -18.48
CA GLN A 394 9.23 -2.03 -18.53
C GLN A 394 9.55 -1.65 -19.98
N ASN A 395 9.41 -2.61 -20.89
CA ASN A 395 9.85 -2.40 -22.28
C ASN A 395 8.71 -2.23 -23.32
N PHE A 396 7.52 -2.73 -23.02
CA PHE A 396 6.49 -2.76 -24.05
C PHE A 396 5.24 -1.95 -23.76
N ALA A 397 4.93 -1.67 -22.48
CA ALA A 397 3.63 -1.06 -22.10
C ALA A 397 3.62 0.45 -22.27
N TYR A 398 3.62 0.91 -23.51
CA TYR A 398 3.76 2.34 -23.81
C TYR A 398 2.79 2.73 -24.89
N GLY A 399 2.38 3.99 -24.94
CA GLY A 399 1.58 4.45 -26.09
C GLY A 399 0.09 4.33 -25.82
N THR A 400 -0.69 4.67 -26.83
CA THR A 400 -2.14 4.67 -26.78
C THR A 400 -2.66 3.29 -26.48
N GLN A 401 -3.69 3.24 -25.65
CA GLN A 401 -4.26 1.99 -25.22
C GLN A 401 -5.62 1.83 -25.88
N HIS A 402 -5.95 0.62 -26.30
CA HIS A 402 -7.26 0.32 -26.84
C HIS A 402 -7.78 -0.80 -25.95
N ASP A 403 -8.95 -0.64 -25.36
CA ASP A 403 -9.43 -1.69 -24.48
C ASP A 403 -10.42 -2.53 -25.19
N TYR A 404 -10.48 -3.81 -24.83
CA TYR A 404 -11.51 -4.73 -25.28
C TYR A 404 -12.08 -5.50 -24.08
N PHE A 405 -12.91 -4.80 -23.30
CA PHE A 405 -13.56 -5.40 -22.14
C PHE A 405 -14.98 -5.78 -22.56
N ASP A 406 -15.10 -6.79 -23.41
CA ASP A 406 -16.34 -6.95 -24.15
C ASP A 406 -16.83 -8.38 -24.14
N HIS A 407 -16.37 -9.16 -23.19
CA HIS A 407 -16.77 -10.55 -23.14
C HIS A 407 -16.67 -10.96 -21.68
N HIS A 408 -17.45 -11.93 -21.28
CA HIS A 408 -17.53 -12.28 -19.87
C HIS A 408 -16.33 -13.11 -19.42
N ASN A 409 -15.62 -13.72 -20.35
CA ASN A 409 -14.38 -14.42 -20.01
C ASN A 409 -13.10 -13.81 -20.57
N ILE A 410 -13.11 -13.47 -21.85
CA ILE A 410 -11.90 -13.05 -22.53
C ILE A 410 -11.87 -11.53 -22.71
N ILE A 411 -10.93 -10.90 -22.05
CA ILE A 411 -10.77 -9.50 -22.24
C ILE A 411 -9.34 -9.22 -22.65
N GLY A 412 -9.08 -7.99 -23.12
CA GLY A 412 -7.75 -7.67 -23.59
C GLY A 412 -7.62 -6.19 -23.72
N TRP A 413 -6.41 -5.73 -23.95
CA TRP A 413 -6.21 -4.36 -24.33
C TRP A 413 -4.96 -4.39 -25.11
N THR A 414 -4.74 -3.36 -25.90
CA THR A 414 -3.46 -3.19 -26.52
C THR A 414 -2.84 -1.85 -26.22
N ARG A 415 -1.54 -1.72 -26.55
CA ARG A 415 -0.79 -0.50 -26.34
C ARG A 415 -0.06 -0.32 -27.65
N GLU A 416 -0.19 0.86 -28.25
CA GLU A 416 0.43 1.13 -29.55
C GLU A 416 1.95 1.29 -29.52
N GLY A 417 2.50 1.40 -28.32
CA GLY A 417 3.92 1.65 -28.18
C GLY A 417 4.23 3.11 -28.49
N ASN A 418 5.47 3.53 -28.28
CA ASN A 418 5.75 4.91 -28.65
C ASN A 418 7.19 5.07 -29.10
N THR A 419 7.55 6.26 -29.56
CA THR A 419 8.84 6.45 -30.25
C THR A 419 10.00 6.40 -29.27
N THR A 420 9.73 6.67 -27.99
CA THR A 420 10.82 6.77 -27.03
C THR A 420 11.20 5.39 -26.47
N HIS A 421 10.37 4.38 -26.76
CA HIS A 421 10.69 3.01 -26.38
C HIS A 421 10.65 2.08 -27.58
N PRO A 422 11.82 1.85 -28.20
CA PRO A 422 11.94 1.05 -29.42
C PRO A 422 11.23 -0.28 -29.27
N ASN A 423 10.44 -0.64 -30.29
CA ASN A 423 9.79 -1.94 -30.31
C ASN A 423 8.68 -2.11 -29.29
N SER A 424 8.28 -1.00 -28.66
CA SER A 424 7.26 -1.06 -27.64
C SER A 424 5.90 -1.26 -28.31
N GLY A 425 4.92 -1.73 -27.54
CA GLY A 425 3.63 -2.11 -28.11
C GLY A 425 3.34 -3.49 -27.58
N LEU A 426 2.08 -3.74 -27.24
CA LEU A 426 1.76 -5.09 -26.74
C LEU A 426 0.28 -5.28 -26.87
N ALA A 427 -0.18 -6.52 -26.69
CA ALA A 427 -1.58 -6.90 -26.68
C ALA A 427 -1.68 -7.93 -25.59
N THR A 428 -2.38 -7.53 -24.53
CA THR A 428 -2.60 -8.39 -23.41
C THR A 428 -3.99 -8.98 -23.58
N ILE A 429 -4.11 -10.30 -23.41
CA ILE A 429 -5.37 -10.92 -23.53
C ILE A 429 -5.43 -11.97 -22.45
N MET A 430 -6.57 -12.03 -21.80
CA MET A 430 -6.70 -12.92 -20.67
C MET A 430 -8.09 -13.57 -20.64
N SER A 431 -8.18 -14.74 -20.05
CA SER A 431 -9.44 -15.34 -19.86
C SER A 431 -9.48 -15.99 -18.51
N ASP A 432 -10.61 -15.80 -17.81
CA ASP A 432 -10.86 -16.41 -16.51
C ASP A 432 -11.61 -17.72 -16.73
N GLY A 433 -11.88 -18.00 -18.00
CA GLY A 433 -12.58 -19.20 -18.43
C GLY A 433 -11.84 -19.90 -19.55
N PRO A 434 -12.56 -20.65 -20.41
CA PRO A 434 -11.95 -21.25 -21.58
C PRO A 434 -11.15 -20.24 -22.40
N GLY A 435 -10.07 -20.74 -23.01
CA GLY A 435 -9.24 -19.94 -23.91
C GLY A 435 -10.03 -19.47 -25.11
N GLY A 436 -9.41 -18.66 -25.94
CA GLY A 436 -10.09 -18.14 -27.08
C GLY A 436 -9.23 -17.07 -27.71
N GLU A 437 -9.84 -16.25 -28.54
CA GLU A 437 -9.06 -15.34 -29.36
C GLU A 437 -9.81 -14.07 -29.33
N LYS A 438 -9.12 -12.97 -29.62
CA LYS A 438 -9.82 -11.72 -29.81
C LYS A 438 -9.08 -10.92 -30.87
N TRP A 439 -9.79 -10.38 -31.85
CA TRP A 439 -9.23 -9.35 -32.75
C TRP A 439 -9.05 -8.04 -31.99
N MET A 440 -7.86 -7.46 -32.07
CA MET A 440 -7.56 -6.22 -31.37
C MET A 440 -6.61 -5.45 -32.24
N TYR A 441 -6.70 -4.13 -32.15
CA TYR A 441 -5.95 -3.22 -32.98
C TYR A 441 -4.70 -2.79 -32.24
N VAL A 442 -3.52 -3.06 -32.80
CA VAL A 442 -2.26 -2.60 -32.19
C VAL A 442 -1.57 -1.39 -32.81
N GLY A 443 -2.17 -0.82 -33.85
CA GLY A 443 -1.56 0.31 -34.53
C GLY A 443 -1.23 -0.05 -35.96
N GLN A 444 -1.71 0.75 -36.91
CA GLN A 444 -1.46 0.53 -38.32
C GLN A 444 0.00 0.37 -38.64
N ASN A 445 0.84 1.13 -37.93
CA ASN A 445 2.25 1.08 -38.17
C ASN A 445 2.90 -0.26 -37.82
N LYS A 446 2.17 -1.13 -37.14
CA LYS A 446 2.69 -2.45 -36.74
C LYS A 446 2.33 -3.54 -37.75
N ALA A 447 1.60 -3.15 -38.79
CA ALA A 447 1.31 -4.05 -39.88
C ALA A 447 2.56 -4.84 -40.32
N GLY A 448 2.37 -6.15 -40.38
CA GLY A 448 3.35 -7.07 -40.86
C GLY A 448 4.27 -7.61 -39.80
N GLN A 449 4.31 -6.99 -38.63
CA GLN A 449 5.18 -7.48 -37.57
C GLN A 449 4.74 -8.85 -37.06
N VAL A 450 5.71 -9.59 -36.55
CA VAL A 450 5.45 -10.93 -36.02
C VAL A 450 5.61 -10.81 -34.51
N TRP A 451 4.55 -11.14 -33.78
CA TRP A 451 4.51 -10.92 -32.34
C TRP A 451 4.52 -12.28 -31.62
N HIS A 452 5.04 -12.34 -30.40
CA HIS A 452 5.03 -13.61 -29.68
C HIS A 452 4.57 -13.34 -28.26
N ASP A 453 4.22 -14.38 -27.53
CA ASP A 453 3.72 -14.21 -26.16
C ASP A 453 4.89 -14.15 -25.19
N ILE A 454 5.17 -12.97 -24.66
CA ILE A 454 6.31 -12.84 -23.79
C ILE A 454 6.16 -13.65 -22.50
N THR A 455 4.97 -14.11 -22.15
CA THR A 455 4.85 -14.92 -20.95
C THR A 455 5.16 -16.38 -21.28
N GLY A 456 5.18 -16.71 -22.57
CA GLY A 456 5.43 -18.10 -22.98
C GLY A 456 4.22 -19.00 -22.83
N ASN A 457 3.09 -18.48 -22.38
CA ASN A 457 1.88 -19.32 -22.16
C ASN A 457 1.32 -19.87 -23.46
N LYS A 458 1.36 -19.06 -24.51
CA LYS A 458 0.92 -19.54 -25.81
C LYS A 458 2.15 -19.62 -26.69
N PRO A 459 2.52 -20.82 -27.10
CA PRO A 459 3.59 -20.96 -28.07
C PRO A 459 3.09 -20.36 -29.38
N GLY A 460 4.02 -20.07 -30.29
CA GLY A 460 3.59 -19.60 -31.60
C GLY A 460 3.64 -18.09 -31.74
N THR A 461 3.17 -17.62 -32.88
CA THR A 461 3.27 -16.21 -33.16
C THR A 461 1.97 -15.75 -33.77
N VAL A 462 1.84 -14.44 -33.91
CA VAL A 462 0.69 -13.80 -34.51
C VAL A 462 1.33 -12.76 -35.37
N THR A 463 0.85 -12.60 -36.60
CA THR A 463 1.33 -11.53 -37.48
C THR A 463 0.25 -10.48 -37.55
N ILE A 464 0.66 -9.23 -37.41
CA ILE A 464 -0.27 -8.08 -37.47
C ILE A 464 -0.68 -7.84 -38.91
N ASN A 465 -1.98 -7.68 -39.15
CA ASN A 465 -2.48 -7.59 -40.52
C ASN A 465 -2.25 -6.20 -41.09
N ALA A 466 -2.62 -6.00 -42.36
CA ALA A 466 -2.35 -4.75 -43.04
C ALA A 466 -2.93 -3.56 -42.28
N ASP A 467 -4.00 -3.80 -41.54
CA ASP A 467 -4.69 -2.68 -40.91
C ASP A 467 -4.25 -2.40 -39.46
N GLY A 468 -3.34 -3.20 -38.93
CA GLY A 468 -2.89 -3.02 -37.55
C GLY A 468 -3.68 -3.88 -36.60
N TRP A 469 -4.40 -4.86 -37.15
CA TRP A 469 -5.14 -5.81 -36.31
C TRP A 469 -4.56 -7.23 -36.31
N ALA A 470 -4.82 -7.95 -35.24
CA ALA A 470 -4.52 -9.36 -35.23
C ALA A 470 -5.53 -10.07 -34.36
N ASN A 471 -5.61 -11.38 -34.55
CA ASN A 471 -6.43 -12.25 -33.75
C ASN A 471 -5.53 -12.87 -32.69
N PHE A 472 -5.48 -12.25 -31.53
CA PHE A 472 -4.57 -12.71 -30.50
C PHE A 472 -5.25 -13.82 -29.74
N SER A 473 -4.49 -14.73 -29.17
CA SER A 473 -5.10 -15.86 -28.50
C SER A 473 -4.60 -15.99 -27.06
N VAL A 474 -5.35 -16.75 -26.29
CA VAL A 474 -4.96 -16.96 -24.93
C VAL A 474 -5.44 -18.35 -24.56
N ASN A 475 -4.77 -19.02 -23.63
CA ASN A 475 -5.30 -20.30 -23.12
C ASN A 475 -6.36 -20.05 -22.04
N GLY A 476 -7.11 -21.07 -21.67
CA GLY A 476 -8.08 -20.94 -20.59
C GLY A 476 -7.44 -20.57 -19.26
N GLY A 477 -8.11 -19.74 -18.46
CA GLY A 477 -7.58 -19.30 -17.16
C GLY A 477 -6.14 -18.82 -17.18
N SER A 478 -5.83 -17.91 -18.10
CA SER A 478 -4.46 -17.58 -18.43
C SER A 478 -4.44 -16.16 -18.94
N VAL A 479 -3.24 -15.57 -19.00
CA VAL A 479 -2.99 -14.33 -19.70
C VAL A 479 -1.85 -14.58 -20.69
N SER A 480 -1.93 -13.93 -21.84
CA SER A 480 -0.83 -13.96 -22.79
C SER A 480 -0.60 -12.51 -23.06
N ILE A 481 0.65 -12.14 -23.28
CA ILE A 481 0.97 -10.76 -23.56
C ILE A 481 1.85 -10.78 -24.78
N TRP A 482 1.26 -10.36 -25.89
CA TRP A 482 1.96 -10.48 -27.19
C TRP A 482 2.73 -9.23 -27.41
N VAL A 483 3.97 -9.37 -27.89
CA VAL A 483 4.84 -8.23 -28.12
C VAL A 483 5.64 -8.54 -29.36
N LYS A 484 6.17 -7.52 -30.03
CA LYS A 484 6.98 -7.74 -31.21
C LYS A 484 8.10 -8.73 -30.92
N ARG A 485 8.17 -9.80 -31.69
CA ARG A 485 9.25 -10.75 -31.57
C ARG A 485 10.61 -10.12 -32.00
#